data_6TPU
#
_entry.id   6TPU
#
_cell.length_a   85.290
_cell.length_b   105.100
_cell.length_c   62.000
_cell.angle_alpha   90.00
_cell.angle_beta   135.56
_cell.angle_gamma   90.00
#
_symmetry.space_group_name_H-M   'C 1 2 1'
#
loop_
_entity.id
_entity.type
_entity.pdbx_description
1 polymer 'Receptor-type tyrosine-protein phosphatase F'
2 non-polymer 'CHLORIDE ION'
3 water water
#
_entity_poly.entity_id   1
_entity_poly.type   'polypeptide(L)'
_entity_poly.pdbx_seq_one_letter_code
;GAQPADFQAEVESDTRIQLSWLLPPQERIIMYELVYWAAEDEDQQHKVTFDPTSSYTLEDLKPDTLYRFQLAARSDMGVG
VFTPTIEARTAQSTPSAPPQKVMCVSMGSTTVRVSWVPPPADSRNGVITQYSVAYEAVDGEDRGRHVVDGISREHSSWDL
VGLEKWTEYRVWVRAHTDVGPGPESSPVLVRTDED
;
_entity_poly.pdbx_strand_id   A,B
#
# COMPACT_ATOMS: atom_id res chain seq x y z
N GLY A 1 20.02 29.12 6.37
CA GLY A 1 20.34 28.18 7.42
C GLY A 1 21.00 26.93 6.92
N ALA A 2 21.53 26.14 7.85
CA ALA A 2 22.20 24.88 7.52
C ALA A 2 21.23 23.90 6.89
N GLN A 3 21.78 22.99 6.09
CA GLN A 3 20.99 21.88 5.56
C GLN A 3 20.26 21.19 6.72
N PRO A 4 18.93 21.01 6.62
CA PRO A 4 18.22 20.38 7.74
C PRO A 4 18.76 18.97 8.01
N ALA A 5 18.76 18.59 9.29
CA ALA A 5 19.28 17.31 9.74
C ALA A 5 18.19 16.31 10.08
N ASP A 6 18.56 15.04 9.95
CA ASP A 6 17.70 13.89 10.25
C ASP A 6 16.29 14.03 9.66
N PHE A 7 16.23 14.42 8.38
CA PHE A 7 14.97 14.60 7.68
C PHE A 7 14.33 13.24 7.39
N GLN A 8 13.08 13.05 7.81
CA GLN A 8 12.42 11.74 7.67
C GLN A 8 10.97 11.92 7.24
N ALA A 9 10.39 10.87 6.62
CA ALA A 9 9.00 10.86 6.17
C ALA A 9 8.27 9.66 6.74
N GLU A 10 7.06 9.89 7.22
CA GLU A 10 6.23 8.83 7.80
C GLU A 10 4.88 8.83 7.12
N VAL A 11 4.46 7.69 6.58
CA VAL A 11 3.15 7.65 5.94
C VAL A 11 2.08 7.64 7.03
N GLU A 12 1.11 8.57 6.94
CA GLU A 12 0.02 8.61 7.90
C GLU A 12 -1.27 8.03 7.34
N SER A 13 -1.51 8.17 6.05
CA SER A 13 -2.78 7.71 5.47
C SER A 13 -2.64 7.66 3.95
N ASP A 14 -3.78 7.53 3.29
CA ASP A 14 -3.80 7.59 1.84
C ASP A 14 -3.60 9.00 1.30
N THR A 15 -3.73 10.02 2.15
CA THR A 15 -3.58 11.39 1.67
C THR A 15 -2.58 12.20 2.47
N ARG A 16 -1.93 11.63 3.49
CA ARG A 16 -1.11 12.41 4.42
C ARG A 16 0.23 11.73 4.66
N ILE A 17 1.30 12.53 4.62
CA ILE A 17 2.64 12.08 5.00
C ILE A 17 3.20 13.12 5.96
N GLN A 18 3.73 12.66 7.08
CA GLN A 18 4.34 13.56 8.06
C GLN A 18 5.85 13.64 7.85
N LEU A 19 6.35 14.84 7.63
CA LEU A 19 7.79 15.08 7.56
C LEU A 19 8.30 15.54 8.92
N SER A 20 9.55 15.20 9.25
CA SER A 20 10.12 15.64 10.50
C SER A 20 11.62 15.81 10.32
N TRP A 21 12.20 16.62 11.19
CA TRP A 21 13.63 16.95 11.11
C TRP A 21 14.06 17.57 12.43
N LEU A 22 15.36 17.83 12.55
CA LEU A 22 15.88 18.42 13.78
C LEU A 22 15.78 19.94 13.72
N LEU A 23 15.46 20.54 14.85
CA LEU A 23 15.60 21.99 14.95
C LEU A 23 17.09 22.33 14.89
N PRO A 24 17.49 23.32 14.11
CA PRO A 24 18.91 23.55 13.95
C PRO A 24 19.48 24.19 15.19
N PRO A 25 20.70 23.86 15.56
CA PRO A 25 21.30 24.52 16.72
C PRO A 25 21.77 25.93 16.37
N GLN A 26 21.50 26.84 17.30
CA GLN A 26 22.13 28.17 17.31
C GLN A 26 21.99 28.88 15.98
N GLU A 27 20.81 28.83 15.43
CA GLU A 27 20.57 29.47 14.15
C GLU A 27 19.28 30.27 14.24
N ARG A 28 19.26 31.48 13.68
CA ARG A 28 18.07 32.33 13.65
C ARG A 28 17.17 31.90 12.47
N ILE A 29 16.55 30.73 12.63
CA ILE A 29 15.66 30.17 11.61
C ILE A 29 14.40 31.02 11.45
N ILE A 30 14.02 31.27 10.20
CA ILE A 30 12.89 32.14 9.88
C ILE A 30 11.78 31.39 9.15
N MET A 31 12.14 30.45 8.29
CA MET A 31 11.11 29.69 7.57
C MET A 31 11.75 28.48 6.92
N TYR A 32 10.90 27.54 6.54
CA TYR A 32 11.32 26.34 5.83
C TYR A 32 10.68 26.31 4.45
N GLU A 33 11.37 25.66 3.52
CA GLU A 33 10.87 25.41 2.17
C GLU A 33 10.88 23.90 1.97
N LEU A 34 9.70 23.34 1.74
CA LEU A 34 9.52 21.90 1.49
C LEU A 34 9.15 21.75 0.03
N VAL A 35 9.98 21.07 -0.72
CA VAL A 35 9.76 20.76 -2.13
C VAL A 35 9.37 19.29 -2.23
N TYR A 36 8.29 18.98 -2.95
CA TYR A 36 7.91 17.59 -3.05
C TYR A 36 7.33 17.32 -4.43
N TRP A 37 7.34 16.05 -4.82
CA TRP A 37 6.82 15.67 -6.12
C TRP A 37 6.52 14.16 -6.13
N ALA A 38 5.63 13.78 -7.03
CA ALA A 38 5.38 12.36 -7.24
C ALA A 38 6.49 11.78 -8.10
N ALA A 39 7.06 10.66 -7.67
CA ALA A 39 8.12 10.01 -8.43
C ALA A 39 7.75 9.75 -9.89
N GLU A 40 6.48 9.46 -10.18
CA GLU A 40 6.02 9.15 -11.53
C GLU A 40 5.93 10.40 -12.40
N ASP A 41 6.02 11.59 -11.84
CA ASP A 41 5.82 12.84 -12.59
C ASP A 41 6.86 13.85 -12.11
N GLU A 42 8.15 13.55 -12.31
CA GLU A 42 9.18 14.36 -11.69
C GLU A 42 9.32 15.76 -12.30
N ASP A 43 8.64 16.05 -13.41
CA ASP A 43 8.65 17.37 -14.02
C ASP A 43 7.71 18.35 -13.33
N GLN A 44 6.88 17.87 -12.39
CA GLN A 44 5.88 18.67 -11.69
CA GLN A 44 5.90 18.70 -11.70
C GLN A 44 6.25 18.69 -10.21
N GLN A 45 6.86 19.77 -9.75
CA GLN A 45 7.23 19.89 -8.34
CA GLN A 45 7.26 19.91 -8.35
C GLN A 45 6.34 20.91 -7.64
N HIS A 46 6.24 20.74 -6.33
CA HIS A 46 5.47 21.62 -5.48
C HIS A 46 6.37 22.12 -4.37
N LYS A 47 6.21 23.37 -3.95
CA LYS A 47 6.93 23.87 -2.79
CA LYS A 47 6.92 23.87 -2.78
C LYS A 47 5.93 24.47 -1.81
N VAL A 48 6.04 24.13 -0.53
CA VAL A 48 5.29 24.85 0.48
C VAL A 48 6.29 25.49 1.44
N THR A 49 6.07 26.76 1.77
CA THR A 49 6.89 27.45 2.75
CA THR A 49 6.89 27.48 2.72
C THR A 49 6.09 27.64 4.02
N PHE A 50 6.78 27.58 5.15
CA PHE A 50 6.07 27.68 6.40
C PHE A 50 6.99 28.15 7.51
N ASP A 51 6.37 28.59 8.61
CA ASP A 51 7.12 29.12 9.73
C ASP A 51 7.88 28.00 10.45
N PRO A 52 8.88 28.35 11.25
CA PRO A 52 9.76 27.33 11.83
C PRO A 52 8.97 26.34 12.68
N THR A 53 9.40 25.10 12.58
CA THR A 53 8.81 23.96 13.27
C THR A 53 9.73 22.79 13.00
N SER A 54 9.46 21.68 13.65
CA SER A 54 10.28 20.49 13.45
C SER A 54 9.48 19.38 12.78
N SER A 55 8.22 19.63 12.42
CA SER A 55 7.45 18.61 11.72
C SER A 55 6.41 19.33 10.88
N TYR A 56 6.00 18.68 9.81
CA TYR A 56 4.98 19.25 8.93
C TYR A 56 4.22 18.07 8.34
N THR A 57 2.89 18.11 8.40
CA THR A 57 2.07 17.05 7.81
C THR A 57 1.51 17.59 6.51
N LEU A 58 1.94 16.98 5.40
CA LEU A 58 1.41 17.31 4.09
C LEU A 58 0.09 16.59 3.89
N GLU A 59 -0.93 17.31 3.43
CA GLU A 59 -2.24 16.72 3.25
C GLU A 59 -2.67 16.84 1.80
N ASP A 60 -3.81 16.23 1.50
CA ASP A 60 -4.42 16.28 0.17
C ASP A 60 -3.52 15.66 -0.89
N LEU A 61 -2.70 14.67 -0.49
CA LEU A 61 -1.87 13.96 -1.46
C LEU A 61 -2.70 12.90 -2.19
N LYS A 62 -2.14 12.41 -3.28
CA LYS A 62 -2.83 11.38 -4.07
C LYS A 62 -2.61 10.00 -3.44
N PRO A 63 -3.66 9.18 -3.29
CA PRO A 63 -3.47 7.82 -2.76
C PRO A 63 -2.52 6.98 -3.62
N ASP A 64 -1.91 6.00 -2.96
CA ASP A 64 -1.07 4.98 -3.58
C ASP A 64 0.00 5.57 -4.50
N THR A 65 0.66 6.63 -4.00
CA THR A 65 1.61 7.39 -4.83
C THR A 65 2.92 7.56 -4.10
N LEU A 66 4.04 7.22 -4.78
CA LEU A 66 5.37 7.41 -4.21
C LEU A 66 5.75 8.87 -4.36
N TYR A 67 6.00 9.53 -3.24
CA TYR A 67 6.40 10.93 -3.19
C TYR A 67 7.85 11.04 -2.77
N ARG A 68 8.49 12.11 -3.26
CA ARG A 68 9.86 12.46 -2.95
C ARG A 68 9.85 13.86 -2.34
N PHE A 69 10.79 14.10 -1.42
CA PHE A 69 10.77 15.32 -0.60
C PHE A 69 12.18 15.85 -0.43
N GLN A 70 12.30 17.17 -0.45
CA GLN A 70 13.55 17.87 -0.11
CA GLN A 70 13.55 17.87 -0.11
CA GLN A 70 13.55 17.85 -0.09
C GLN A 70 13.19 19.08 0.75
N LEU A 71 14.07 19.41 1.73
CA LEU A 71 13.77 20.51 2.65
C LEU A 71 14.95 21.47 2.72
N ALA A 72 14.68 22.76 2.79
CA ALA A 72 15.72 23.79 2.98
C ALA A 72 15.29 24.74 4.09
N ALA A 73 16.28 25.32 4.79
CA ALA A 73 16.03 26.24 5.88
C ALA A 73 16.44 27.66 5.48
N ARG A 74 15.54 28.63 5.67
CA ARG A 74 15.90 30.03 5.51
C ARG A 74 16.10 30.64 6.89
N SER A 75 17.30 31.19 7.14
CA SER A 75 17.65 31.87 8.37
C SER A 75 17.90 33.36 8.06
N ASP A 76 18.33 34.11 9.07
CA ASP A 76 18.66 35.50 8.79
C ASP A 76 19.83 35.64 7.83
N MET A 77 20.54 34.55 7.52
CA MET A 77 21.63 34.59 6.56
C MET A 77 21.20 34.10 5.20
N GLY A 78 19.89 33.87 5.01
CA GLY A 78 19.36 33.43 3.73
C GLY A 78 19.02 31.96 3.72
N VAL A 79 18.62 31.46 2.54
CA VAL A 79 18.22 30.06 2.42
C VAL A 79 19.44 29.21 2.10
N GLY A 80 19.54 28.09 2.79
CA GLY A 80 20.64 27.16 2.62
C GLY A 80 20.38 26.15 1.54
N VAL A 81 21.18 25.09 1.57
CA VAL A 81 20.99 24.06 0.57
C VAL A 81 19.91 23.08 1.03
N PHE A 82 19.37 22.36 0.07
CA PHE A 82 18.33 21.38 0.36
C PHE A 82 18.94 20.07 0.87
N THR A 83 18.13 19.34 1.63
CA THR A 83 18.50 17.99 2.04
C THR A 83 18.60 17.11 0.81
N PRO A 84 19.29 15.96 0.92
CA PRO A 84 19.06 14.91 -0.05
C PRO A 84 17.60 14.50 -0.06
N THR A 85 17.19 13.93 -1.19
CA THR A 85 15.81 13.46 -1.33
C THR A 85 15.50 12.26 -0.44
N ILE A 86 14.31 12.28 0.17
CA ILE A 86 13.77 11.12 0.86
C ILE A 86 12.42 10.78 0.22
N GLU A 87 11.90 9.61 0.55
CA GLU A 87 10.66 9.22 -0.12
C GLU A 87 9.72 8.49 0.82
N ALA A 88 8.44 8.50 0.44
CA ALA A 88 7.43 7.71 1.15
C ALA A 88 6.24 7.58 0.21
N ARG A 89 5.46 6.52 0.40
CA ARG A 89 4.33 6.24 -0.49
C ARG A 89 3.01 6.28 0.28
N THR A 90 2.08 7.12 -0.18
CA THR A 90 0.76 7.14 0.45
C THR A 90 0.10 5.78 0.35
N ALA A 91 -0.75 5.49 1.33
CA ALA A 91 -1.54 4.28 1.34
C ALA A 91 -2.54 4.29 0.19
N GLN A 92 -3.00 3.09 -0.17
CA GLN A 92 -4.13 3.02 -1.09
C GLN A 92 -5.41 3.54 -0.44
N SER A 93 -6.40 3.81 -1.29
CA SER A 93 -7.74 4.08 -0.79
C SER A 93 -8.71 3.21 -1.57
N THR A 94 -9.99 3.43 -1.32
CA THR A 94 -11.00 2.85 -2.20
C THR A 94 -11.11 3.68 -3.48
N PRO A 95 -11.67 3.12 -4.54
CA PRO A 95 -11.92 3.93 -5.73
C PRO A 95 -12.83 5.12 -5.41
N SER A 96 -12.62 6.22 -6.15
CA SER A 96 -13.40 7.44 -5.93
C SER A 96 -14.35 7.72 -7.08
N ALA A 97 -14.50 6.79 -8.02
CA ALA A 97 -15.40 6.90 -9.15
C ALA A 97 -15.87 5.50 -9.51
N PRO A 98 -17.04 5.40 -10.13
CA PRO A 98 -17.60 4.07 -10.48
C PRO A 98 -16.98 3.51 -11.74
N PRO A 99 -17.22 2.21 -12.01
CA PRO A 99 -17.01 1.66 -13.35
C PRO A 99 -17.74 2.50 -14.39
N GLN A 100 -17.17 2.56 -15.58
CA GLN A 100 -17.68 3.40 -16.66
C GLN A 100 -18.39 2.53 -17.70
N LYS A 101 -19.12 3.21 -18.59
CA LYS A 101 -19.71 2.55 -19.75
C LYS A 101 -20.54 1.33 -19.37
N VAL A 102 -21.35 1.45 -18.33
CA VAL A 102 -22.14 0.29 -17.91
C VAL A 102 -23.29 0.05 -18.89
N MET A 103 -23.41 -1.20 -19.36
CA MET A 103 -24.44 -1.60 -20.27
C MET A 103 -25.08 -2.91 -19.80
N CYS A 104 -26.34 -3.08 -20.16
CA CYS A 104 -27.07 -4.30 -19.82
C CYS A 104 -27.84 -4.77 -21.03
N VAL A 105 -27.78 -6.08 -21.30
CA VAL A 105 -28.56 -6.68 -22.36
C VAL A 105 -29.22 -7.97 -21.87
N SER A 106 -30.50 -8.12 -22.16
CA SER A 106 -31.19 -9.37 -21.84
CA SER A 106 -31.19 -9.37 -21.84
C SER A 106 -30.60 -10.51 -22.64
N MET A 107 -30.44 -11.67 -21.99
CA MET A 107 -29.90 -12.85 -22.65
C MET A 107 -30.87 -14.02 -22.52
N GLY A 108 -32.14 -13.73 -22.42
CA GLY A 108 -33.16 -14.73 -22.25
C GLY A 108 -34.20 -14.24 -21.28
N SER A 109 -35.07 -15.17 -20.86
CA SER A 109 -36.16 -14.83 -19.96
C SER A 109 -35.69 -14.60 -18.53
N THR A 110 -34.53 -15.14 -18.15
CA THR A 110 -34.08 -15.09 -16.76
C THR A 110 -32.62 -14.68 -16.60
N THR A 111 -32.00 -14.16 -17.65
CA THR A 111 -30.58 -13.84 -17.66
C THR A 111 -30.35 -12.45 -18.25
N VAL A 112 -29.44 -11.69 -17.65
CA VAL A 112 -29.02 -10.37 -18.14
C VAL A 112 -27.50 -10.32 -18.12
N ARG A 113 -26.90 -9.83 -19.20
CA ARG A 113 -25.44 -9.62 -19.20
C ARG A 113 -25.15 -8.16 -18.91
N VAL A 114 -24.37 -7.92 -17.85
CA VAL A 114 -23.94 -6.59 -17.44
CA VAL A 114 -23.96 -6.57 -17.51
C VAL A 114 -22.50 -6.43 -17.91
N SER A 115 -22.17 -5.30 -18.55
CA SER A 115 -20.80 -5.06 -18.95
CA SER A 115 -20.81 -5.03 -19.00
C SER A 115 -20.36 -3.66 -18.50
N TRP A 116 -19.05 -3.49 -18.35
CA TRP A 116 -18.49 -2.23 -17.83
C TRP A 116 -17.03 -2.13 -18.25
N VAL A 117 -16.46 -0.95 -18.04
CA VAL A 117 -15.00 -0.76 -18.06
C VAL A 117 -14.59 -0.21 -16.71
N PRO A 118 -13.31 -0.31 -16.37
CA PRO A 118 -12.84 0.15 -15.03
C PRO A 118 -13.06 1.64 -14.82
N PRO A 119 -13.09 2.10 -13.57
CA PRO A 119 -13.14 3.54 -13.31
C PRO A 119 -11.92 4.21 -13.92
N PRO A 120 -11.95 5.52 -14.16
CA PRO A 120 -10.76 6.17 -14.74
C PRO A 120 -9.53 5.95 -13.86
N ALA A 121 -8.37 5.84 -14.51
CA ALA A 121 -7.12 5.47 -13.84
C ALA A 121 -6.83 6.35 -12.63
N ASP A 122 -7.13 7.65 -12.73
CA ASP A 122 -6.76 8.58 -11.67
C ASP A 122 -7.71 8.53 -10.48
N SER A 123 -8.76 7.70 -10.56
CA SER A 123 -9.74 7.56 -9.49
CA SER A 123 -9.76 7.54 -9.51
C SER A 123 -9.74 6.16 -8.90
N ARG A 124 -8.80 5.29 -9.29
CA ARG A 124 -8.79 3.95 -8.72
C ARG A 124 -8.19 3.93 -7.32
N ASN A 125 -7.13 4.72 -7.09
CA ASN A 125 -6.48 4.88 -5.79
C ASN A 125 -5.82 3.60 -5.28
N GLY A 126 -5.49 2.72 -6.20
CA GLY A 126 -4.97 1.39 -5.90
C GLY A 126 -5.30 0.47 -7.04
N VAL A 127 -4.80 -0.75 -6.96
CA VAL A 127 -5.13 -1.76 -7.95
C VAL A 127 -6.55 -2.22 -7.72
N ILE A 128 -7.35 -2.25 -8.80
CA ILE A 128 -8.72 -2.78 -8.66
C ILE A 128 -8.65 -4.29 -8.49
N THR A 129 -9.28 -4.80 -7.43
CA THR A 129 -9.17 -6.22 -7.07
C THR A 129 -10.46 -7.01 -7.25
N GLN A 130 -11.60 -6.35 -7.36
CA GLN A 130 -12.83 -7.08 -7.59
C GLN A 130 -13.89 -6.07 -7.99
N TYR A 131 -14.96 -6.60 -8.56
CA TYR A 131 -16.15 -5.84 -8.87
C TYR A 131 -17.28 -6.49 -8.13
N SER A 132 -18.33 -5.70 -7.89
CA SER A 132 -19.60 -6.26 -7.46
C SER A 132 -20.71 -5.70 -8.35
N VAL A 133 -21.75 -6.51 -8.52
CA VAL A 133 -22.91 -6.12 -9.31
C VAL A 133 -24.13 -6.22 -8.40
N ALA A 134 -24.91 -5.14 -8.34
CA ALA A 134 -26.14 -5.12 -7.56
C ALA A 134 -27.29 -5.00 -8.52
N TYR A 135 -28.41 -5.64 -8.18
CA TYR A 135 -29.60 -5.48 -9.03
C TYR A 135 -30.84 -5.47 -8.15
N GLU A 136 -31.91 -4.88 -8.68
CA GLU A 136 -33.16 -4.72 -7.95
C GLU A 136 -34.29 -4.65 -8.95
N ALA A 137 -35.31 -5.47 -8.75
CA ALA A 137 -36.47 -5.43 -9.65
C ALA A 137 -37.26 -4.15 -9.46
N VAL A 138 -37.69 -3.56 -10.59
CA VAL A 138 -38.51 -2.34 -10.54
C VAL A 138 -39.98 -2.67 -10.29
N ASP A 139 -40.44 -3.81 -10.77
CA ASP A 139 -41.82 -4.23 -10.61
C ASP A 139 -41.81 -5.68 -10.11
N GLY A 140 -42.97 -6.25 -9.86
CA GLY A 140 -42.93 -7.61 -9.36
C GLY A 140 -42.75 -7.71 -7.85
N GLU A 141 -42.74 -8.95 -7.39
CA GLU A 141 -42.83 -9.22 -5.96
C GLU A 141 -41.54 -8.93 -5.20
N ASP A 142 -40.41 -9.47 -5.64
CA ASP A 142 -39.20 -9.22 -4.86
C ASP A 142 -38.65 -7.87 -5.29
N ARG A 143 -38.76 -6.88 -4.42
CA ARG A 143 -38.27 -5.55 -4.73
C ARG A 143 -36.95 -5.27 -4.04
N GLY A 144 -36.35 -6.28 -3.43
CA GLY A 144 -35.10 -6.07 -2.71
C GLY A 144 -33.88 -6.00 -3.63
N ARG A 145 -32.82 -5.42 -3.08
CA ARG A 145 -31.51 -5.39 -3.73
C ARG A 145 -30.78 -6.70 -3.48
N HIS A 146 -30.20 -7.25 -4.54
CA HIS A 146 -29.33 -8.41 -4.45
C HIS A 146 -27.95 -8.03 -4.97
N VAL A 147 -26.90 -8.53 -4.33
CA VAL A 147 -25.54 -8.10 -4.68
C VAL A 147 -24.69 -9.35 -4.92
N VAL A 148 -23.99 -9.39 -6.07
CA VAL A 148 -23.01 -10.42 -6.37
C VAL A 148 -21.63 -9.77 -6.23
N ASP A 149 -20.80 -10.28 -5.34
CA ASP A 149 -19.46 -9.67 -5.25
C ASP A 149 -18.41 -10.71 -5.63
N GLY A 150 -17.14 -10.34 -5.44
CA GLY A 150 -16.07 -11.27 -5.71
C GLY A 150 -15.85 -11.52 -7.19
N ILE A 151 -16.33 -10.63 -8.05
CA ILE A 151 -16.10 -10.73 -9.48
C ILE A 151 -14.65 -10.31 -9.74
N SER A 152 -13.88 -11.18 -10.38
CA SER A 152 -12.44 -10.93 -10.48
C SER A 152 -12.17 -9.72 -11.38
N ARG A 153 -11.03 -9.08 -11.12
CA ARG A 153 -10.68 -7.83 -11.80
CA ARG A 153 -10.70 -7.84 -11.81
C ARG A 153 -10.56 -8.00 -13.31
N GLU A 154 -10.39 -9.22 -13.81
CA GLU A 154 -10.24 -9.37 -15.26
C GLU A 154 -11.59 -9.41 -15.98
N HIS A 155 -12.70 -9.52 -15.25
CA HIS A 155 -14.01 -9.50 -15.86
C HIS A 155 -14.36 -8.11 -16.40
N SER A 156 -14.93 -8.08 -17.61
CA SER A 156 -15.57 -6.89 -18.14
C SER A 156 -17.07 -7.09 -18.33
N SER A 157 -17.57 -8.28 -18.04
CA SER A 157 -19.01 -8.51 -18.02
C SER A 157 -19.31 -9.61 -17.01
N TRP A 158 -20.59 -9.71 -16.68
CA TRP A 158 -21.10 -10.67 -15.69
C TRP A 158 -22.56 -11.00 -16.04
N ASP A 159 -22.92 -12.28 -15.97
CA ASP A 159 -24.29 -12.70 -16.24
C ASP A 159 -25.06 -12.86 -14.93
N LEU A 160 -26.12 -12.05 -14.78
CA LEU A 160 -27.08 -12.22 -13.69
C LEU A 160 -28.06 -13.30 -14.11
N VAL A 161 -28.20 -14.34 -13.30
CA VAL A 161 -29.02 -15.49 -13.64
C VAL A 161 -30.12 -15.67 -12.61
N GLY A 162 -31.16 -16.40 -13.02
CA GLY A 162 -32.23 -16.67 -12.11
C GLY A 162 -33.21 -15.54 -11.93
N LEU A 163 -33.23 -14.57 -12.85
CA LEU A 163 -34.15 -13.45 -12.74
C LEU A 163 -35.57 -13.87 -13.07
N GLU A 164 -36.52 -12.98 -12.76
CA GLU A 164 -37.90 -13.28 -13.07
C GLU A 164 -38.20 -12.89 -14.52
N LYS A 165 -39.08 -13.66 -15.16
CA LYS A 165 -39.38 -13.43 -16.57
C LYS A 165 -40.14 -12.12 -16.77
N TRP A 166 -39.89 -11.48 -17.92
CA TRP A 166 -40.55 -10.24 -18.35
C TRP A 166 -40.59 -9.20 -17.24
N THR A 167 -39.43 -8.99 -16.61
CA THR A 167 -39.31 -8.13 -15.44
C THR A 167 -38.21 -7.10 -15.68
N GLU A 168 -38.48 -5.86 -15.29
CA GLU A 168 -37.50 -4.79 -15.40
C GLU A 168 -36.64 -4.72 -14.14
N TYR A 169 -35.33 -4.51 -14.34
CA TYR A 169 -34.36 -4.43 -13.26
C TYR A 169 -33.52 -3.16 -13.36
N ARG A 170 -33.14 -2.64 -12.20
CA ARG A 170 -32.05 -1.67 -12.12
C ARG A 170 -30.77 -2.45 -11.80
N VAL A 171 -29.67 -2.05 -12.42
CA VAL A 171 -28.38 -2.71 -12.22
C VAL A 171 -27.32 -1.64 -11.96
N TRP A 172 -26.52 -1.85 -10.95
CA TRP A 172 -25.42 -0.97 -10.62
C TRP A 172 -24.14 -1.79 -10.53
N VAL A 173 -23.01 -1.20 -10.93
CA VAL A 173 -21.73 -1.91 -10.84
C VAL A 173 -20.77 -1.09 -9.99
N ARG A 174 -19.95 -1.78 -9.19
CA ARG A 174 -19.07 -1.09 -8.24
C ARG A 174 -17.68 -1.70 -8.31
N ALA A 175 -16.63 -0.85 -8.21
CA ALA A 175 -15.24 -1.34 -8.17
C ALA A 175 -14.74 -1.34 -6.72
N HIS A 176 -13.74 -2.17 -6.47
CA HIS A 176 -13.10 -2.31 -5.17
C HIS A 176 -11.59 -2.36 -5.32
N THR A 177 -10.91 -1.82 -4.33
CA THR A 177 -9.50 -2.11 -4.10
C THR A 177 -9.40 -3.00 -2.86
N ASP A 178 -8.16 -3.28 -2.47
CA ASP A 178 -7.98 -4.04 -1.24
C ASP A 178 -8.54 -3.29 -0.04
N VAL A 179 -8.60 -1.97 -0.12
CA VAL A 179 -9.07 -1.17 1.00
C VAL A 179 -10.58 -1.32 1.17
N GLY A 180 -11.31 -1.47 0.08
CA GLY A 180 -12.75 -1.59 0.16
C GLY A 180 -13.45 -1.10 -1.08
N PRO A 181 -14.79 -1.00 -1.01
CA PRO A 181 -15.59 -0.65 -2.19
C PRO A 181 -15.58 0.83 -2.48
N GLY A 182 -15.58 1.15 -3.78
CA GLY A 182 -15.83 2.49 -4.27
C GLY A 182 -17.32 2.72 -4.49
N PRO A 183 -17.66 3.85 -5.09
CA PRO A 183 -19.08 4.13 -5.40
C PRO A 183 -19.57 3.26 -6.54
N GLU A 184 -20.89 3.03 -6.55
CA GLU A 184 -21.45 2.29 -7.67
C GLU A 184 -21.92 3.22 -8.77
N SER A 185 -22.01 2.66 -9.98
CA SER A 185 -22.46 3.41 -11.13
C SER A 185 -23.91 3.86 -10.96
N SER A 186 -24.31 4.85 -11.78
CA SER A 186 -25.71 5.15 -11.92
C SER A 186 -26.41 3.92 -12.49
N PRO A 187 -27.65 3.66 -12.10
CA PRO A 187 -28.30 2.42 -12.53
C PRO A 187 -28.61 2.40 -14.02
N VAL A 188 -28.49 1.22 -14.61
CA VAL A 188 -28.95 0.96 -15.96
C VAL A 188 -30.17 0.06 -15.88
N LEU A 189 -31.21 0.38 -16.64
CA LEU A 189 -32.42 -0.44 -16.63
C LEU A 189 -32.39 -1.46 -17.74
N VAL A 190 -32.93 -2.64 -17.47
CA VAL A 190 -32.96 -3.72 -18.46
C VAL A 190 -34.15 -4.61 -18.13
N ARG A 191 -34.82 -5.14 -19.14
CA ARG A 191 -35.97 -6.02 -18.94
C ARG A 191 -35.64 -7.40 -19.51
N THR A 192 -35.98 -8.43 -18.75
CA THR A 192 -35.88 -9.81 -19.23
C THR A 192 -36.99 -10.12 -20.24
N ASP A 193 -36.70 -11.13 -21.08
CA ASP A 193 -37.55 -11.61 -22.16
C ASP A 193 -38.84 -12.23 -21.66
N GLU A 194 -39.67 -12.60 -22.65
CA GLU A 194 -40.97 -13.24 -22.53
C GLU A 194 -41.93 -12.48 -21.64
N GLN B 3 -27.28 -6.80 0.82
CA GLN B 3 -26.21 -7.79 0.89
C GLN B 3 -25.17 -7.48 1.95
N PRO B 4 -24.18 -6.65 1.60
CA PRO B 4 -23.12 -6.31 2.57
C PRO B 4 -23.69 -5.73 3.85
N ALA B 5 -23.03 -6.05 4.96
CA ALA B 5 -23.38 -5.64 6.31
C ALA B 5 -22.49 -4.46 6.71
N ASP B 6 -22.71 -3.93 7.93
CA ASP B 6 -21.95 -2.84 8.53
C ASP B 6 -20.51 -3.25 8.92
N PHE B 7 -20.17 -4.49 8.69
CA PHE B 7 -18.90 -5.07 9.06
C PHE B 7 -17.78 -4.56 8.17
N GLN B 8 -16.73 -4.02 8.78
CA GLN B 8 -15.62 -3.39 8.05
C GLN B 8 -14.29 -3.80 8.65
N ALA B 9 -13.25 -3.70 7.81
CA ALA B 9 -11.89 -4.01 8.20
C ALA B 9 -11.05 -2.77 7.95
N GLU B 10 -10.21 -2.41 8.93
CA GLU B 10 -9.31 -1.27 8.77
C GLU B 10 -7.90 -1.80 8.97
N VAL B 11 -7.04 -1.61 7.97
CA VAL B 11 -5.67 -2.09 8.08
C VAL B 11 -4.89 -1.13 8.96
N GLU B 12 -4.29 -1.65 10.03
CA GLU B 12 -3.54 -0.82 10.95
C GLU B 12 -2.04 -0.90 10.74
N SER B 13 -1.54 -2.01 10.23
CA SER B 13 -0.10 -2.17 10.08
C SER B 13 0.16 -3.36 9.17
N ASP B 14 1.43 -3.75 9.08
CA ASP B 14 1.70 -4.97 8.31
C ASP B 14 1.24 -6.22 9.03
N THR B 15 0.89 -6.15 10.32
CA THR B 15 0.52 -7.35 11.07
C THR B 15 -0.83 -7.24 11.77
N ARG B 16 -1.55 -6.15 11.61
CA ARG B 16 -2.73 -5.83 12.42
C ARG B 16 -3.86 -5.37 11.52
N ILE B 17 -5.04 -5.95 11.69
CA ILE B 17 -6.23 -5.48 11.03
C ILE B 17 -7.33 -5.35 12.08
N GLN B 18 -7.99 -4.21 12.11
CA GLN B 18 -9.08 -3.96 13.04
C GLN B 18 -10.43 -4.19 12.35
N LEU B 19 -11.24 -5.08 12.90
CA LEU B 19 -12.60 -5.29 12.44
C LEU B 19 -13.54 -4.48 13.31
N SER B 20 -14.59 -3.93 12.70
CA SER B 20 -15.56 -3.13 13.45
C SER B 20 -16.92 -3.37 12.82
N TRP B 21 -17.95 -3.07 13.61
CA TRP B 21 -19.36 -3.25 13.22
C TRP B 21 -20.23 -2.37 14.12
N LEU B 22 -21.50 -2.18 13.75
CA LEU B 22 -22.44 -1.32 14.46
C LEU B 22 -23.19 -2.07 15.57
N LEU B 23 -23.85 -1.31 16.48
CA LEU B 23 -24.71 -1.97 17.46
C LEU B 23 -25.86 -2.68 16.73
N PRO B 24 -25.98 -4.00 16.89
CA PRO B 24 -26.92 -4.81 16.09
C PRO B 24 -28.33 -4.85 16.68
N PRO B 25 -29.36 -5.08 15.85
CA PRO B 25 -30.71 -5.27 16.39
C PRO B 25 -30.93 -6.66 16.99
N GLN B 26 -30.04 -7.60 16.71
CA GLN B 26 -30.14 -8.93 17.33
C GLN B 26 -30.10 -8.84 18.85
N GLU B 27 -30.90 -9.67 19.50
CA GLU B 27 -31.11 -9.60 20.93
C GLU B 27 -30.41 -10.77 21.62
N ARG B 28 -29.93 -10.49 22.83
CA ARG B 28 -29.25 -11.45 23.69
C ARG B 28 -28.05 -12.07 22.97
N ILE B 29 -27.15 -11.21 22.51
CA ILE B 29 -25.88 -11.69 21.98
C ILE B 29 -25.00 -12.07 23.17
N ILE B 30 -24.40 -13.27 23.08
CA ILE B 30 -23.63 -13.82 24.19
C ILE B 30 -22.14 -13.68 23.89
N MET B 31 -21.77 -13.78 22.62
CA MET B 31 -20.37 -13.74 22.24
C MET B 31 -20.29 -13.54 20.73
N TYR B 32 -19.11 -13.17 20.28
CA TYR B 32 -18.83 -13.02 18.86
C TYR B 32 -17.78 -14.03 18.44
N GLU B 33 -17.82 -14.39 17.16
CA GLU B 33 -16.87 -15.30 16.54
C GLU B 33 -16.33 -14.66 15.29
N LEU B 34 -15.01 -14.65 15.13
CA LEU B 34 -14.41 -14.19 13.90
C LEU B 34 -13.74 -15.40 13.25
N VAL B 35 -14.16 -15.74 12.04
CA VAL B 35 -13.49 -16.76 11.23
C VAL B 35 -12.69 -16.04 10.15
N TYR B 36 -11.41 -16.35 10.04
CA TYR B 36 -10.61 -15.66 9.04
C TYR B 36 -9.57 -16.62 8.46
N TRP B 37 -9.05 -16.28 7.28
CA TRP B 37 -8.03 -17.09 6.64
C TRP B 37 -7.30 -16.23 5.63
N ALA B 38 -6.07 -16.63 5.30
CA ALA B 38 -5.39 -16.00 4.19
C ALA B 38 -5.99 -16.54 2.91
N ALA B 39 -6.33 -15.64 2.00
CA ALA B 39 -6.87 -16.04 0.71
C ALA B 39 -5.99 -17.06 0.01
N GLU B 40 -4.66 -16.96 0.18
CA GLU B 40 -3.74 -17.90 -0.46
C GLU B 40 -3.78 -19.29 0.19
N ASP B 41 -4.43 -19.44 1.33
CA ASP B 41 -4.39 -20.69 2.07
C ASP B 41 -5.79 -20.98 2.61
N GLU B 42 -6.77 -21.12 1.72
CA GLU B 42 -8.12 -21.22 2.29
C GLU B 42 -8.37 -22.55 2.98
N ASP B 43 -7.48 -23.50 2.86
CA ASP B 43 -7.58 -24.75 3.61
C ASP B 43 -7.17 -24.59 5.07
N GLN B 44 -6.68 -23.43 5.48
CA GLN B 44 -6.24 -23.15 6.87
C GLN B 44 -7.10 -22.03 7.45
N GLN B 45 -8.11 -22.40 8.22
CA GLN B 45 -8.99 -21.41 8.80
C GLN B 45 -8.67 -21.20 10.28
N HIS B 46 -9.00 -20.03 10.75
CA HIS B 46 -8.81 -19.63 12.13
C HIS B 46 -10.12 -19.10 12.68
N LYS B 47 -10.42 -19.43 13.93
CA LYS B 47 -11.63 -18.92 14.57
CA LYS B 47 -11.63 -18.94 14.58
C LYS B 47 -11.25 -18.38 15.94
N VAL B 48 -11.64 -17.14 16.22
CA VAL B 48 -11.46 -16.59 17.56
C VAL B 48 -12.84 -16.22 18.12
N THR B 49 -13.09 -16.62 19.36
CA THR B 49 -14.34 -16.31 20.05
C THR B 49 -14.04 -15.31 21.14
N PHE B 50 -14.87 -14.28 21.26
CA PHE B 50 -14.59 -13.23 22.23
C PHE B 50 -15.88 -12.63 22.73
N ASP B 51 -15.79 -11.95 23.88
CA ASP B 51 -16.96 -11.40 24.52
C ASP B 51 -17.53 -10.24 23.70
N PRO B 52 -18.82 -9.90 23.90
CA PRO B 52 -19.43 -8.88 23.05
C PRO B 52 -18.67 -7.57 23.13
N THR B 53 -18.63 -6.90 22.01
CA THR B 53 -17.87 -5.67 21.81
C THR B 53 -18.26 -5.15 20.44
N SER B 54 -17.69 -4.00 20.08
CA SER B 54 -18.00 -3.35 18.80
C SER B 54 -16.82 -3.35 17.84
N SER B 55 -15.67 -3.89 18.24
CA SER B 55 -14.51 -3.98 17.36
C SER B 55 -13.59 -5.05 17.90
N TYR B 56 -12.71 -5.54 17.03
CA TYR B 56 -11.72 -6.52 17.42
C TYR B 56 -10.48 -6.33 16.56
N THR B 57 -9.29 -6.27 17.18
CA THR B 57 -8.07 -6.13 16.39
C THR B 57 -7.32 -7.44 16.34
N LEU B 58 -7.18 -7.98 15.14
CA LEU B 58 -6.46 -9.20 14.91
C LEU B 58 -4.99 -8.87 14.76
N GLU B 59 -4.13 -9.59 15.48
CA GLU B 59 -2.71 -9.30 15.49
C GLU B 59 -1.94 -10.52 14.96
N ASP B 60 -0.63 -10.31 14.79
CA ASP B 60 0.34 -11.33 14.42
C ASP B 60 0.05 -11.89 13.03
N LEU B 61 -0.48 -11.04 12.16
CA LEU B 61 -0.74 -11.44 10.79
C LEU B 61 0.53 -11.31 9.97
N LYS B 62 0.52 -11.92 8.79
CA LYS B 62 1.64 -11.88 7.86
C LYS B 62 1.60 -10.60 7.04
N PRO B 63 2.72 -9.89 6.88
CA PRO B 63 2.73 -8.69 6.03
C PRO B 63 2.33 -8.98 4.58
N ASP B 64 1.78 -7.95 3.93
CA ASP B 64 1.41 -7.94 2.51
C ASP B 64 0.57 -9.16 2.11
N THR B 65 -0.42 -9.51 2.96
CA THR B 65 -1.17 -10.74 2.76
C THR B 65 -2.66 -10.43 2.74
N LEU B 66 -3.37 -10.98 1.74
CA LEU B 66 -4.81 -10.80 1.60
C LEU B 66 -5.54 -11.76 2.54
N TYR B 67 -6.34 -11.19 3.46
CA TYR B 67 -7.12 -12.00 4.39
C TYR B 67 -8.61 -11.85 4.12
N ARG B 68 -9.38 -12.90 4.43
CA ARG B 68 -10.84 -12.90 4.32
C ARG B 68 -11.42 -13.17 5.70
N PHE B 69 -12.57 -12.55 6.01
CA PHE B 69 -13.10 -12.54 7.37
C PHE B 69 -14.61 -12.71 7.34
N GLN B 70 -15.13 -13.40 8.33
CA GLN B 70 -16.57 -13.39 8.58
C GLN B 70 -16.81 -13.24 10.07
N LEU B 71 -17.74 -12.37 10.42
CA LEU B 71 -18.12 -12.19 11.80
C LEU B 71 -19.42 -12.95 12.05
N ALA B 72 -19.51 -13.54 13.22
CA ALA B 72 -20.76 -14.15 13.64
C ALA B 72 -21.11 -13.63 15.03
N ALA B 73 -22.37 -13.29 15.24
CA ALA B 73 -22.84 -12.97 16.56
C ALA B 73 -23.61 -14.19 17.00
N ARG B 74 -23.37 -14.65 18.21
CA ARG B 74 -24.03 -15.86 18.68
CA ARG B 74 -23.99 -15.87 18.71
C ARG B 74 -25.06 -15.52 19.73
N SER B 75 -26.30 -15.99 19.49
CA SER B 75 -27.40 -15.71 20.37
C SER B 75 -27.48 -16.75 21.50
N ASP B 76 -28.38 -16.51 22.44
CA ASP B 76 -28.58 -17.40 23.59
C ASP B 76 -29.22 -18.73 23.21
N MET B 77 -29.66 -18.90 21.97
CA MET B 77 -30.16 -20.20 21.53
C MET B 77 -29.20 -20.90 20.58
N GLY B 78 -28.04 -20.33 20.31
CA GLY B 78 -27.06 -21.01 19.49
C GLY B 78 -27.05 -20.63 18.03
N VAL B 79 -27.98 -19.79 17.56
CA VAL B 79 -28.01 -19.50 16.13
C VAL B 79 -26.98 -18.44 15.81
N GLY B 80 -26.30 -18.60 14.68
CA GLY B 80 -25.34 -17.61 14.23
C GLY B 80 -26.03 -16.56 13.37
N VAL B 81 -25.70 -15.30 13.65
CA VAL B 81 -26.04 -14.18 12.77
C VAL B 81 -24.73 -13.87 12.06
N PHE B 82 -24.65 -14.21 10.76
CA PHE B 82 -23.41 -14.19 10.00
C PHE B 82 -23.39 -13.00 9.04
N THR B 83 -22.19 -12.46 8.82
CA THR B 83 -21.99 -11.44 7.79
C THR B 83 -21.58 -12.05 6.45
N PRO B 84 -21.71 -11.29 5.38
CA PRO B 84 -20.95 -11.61 4.17
C PRO B 84 -19.47 -11.57 4.49
N THR B 85 -18.68 -12.35 3.75
CA THR B 85 -17.24 -12.28 3.88
CA THR B 85 -17.24 -12.27 3.90
C THR B 85 -16.73 -10.95 3.35
N ILE B 86 -15.73 -10.38 4.04
CA ILE B 86 -15.03 -9.19 3.55
C ILE B 86 -13.55 -9.53 3.45
N GLU B 87 -12.79 -8.67 2.73
CA GLU B 87 -11.39 -8.98 2.60
C GLU B 87 -10.60 -7.70 2.78
N ALA B 88 -9.36 -7.86 3.23
CA ALA B 88 -8.46 -6.73 3.41
C ALA B 88 -7.06 -7.29 3.35
N ARG B 89 -6.11 -6.44 2.96
CA ARG B 89 -4.72 -6.89 2.83
C ARG B 89 -3.85 -6.16 3.84
N THR B 90 -3.07 -6.89 4.64
CA THR B 90 -2.15 -6.20 5.53
C THR B 90 -1.17 -5.35 4.72
N ALA B 91 -0.64 -4.33 5.38
CA ALA B 91 0.33 -3.46 4.75
C ALA B 91 1.62 -4.23 4.43
N GLN B 92 2.38 -3.69 3.49
CA GLN B 92 3.77 -4.14 3.35
C GLN B 92 4.56 -3.69 4.57
N SER B 93 5.76 -4.26 4.72
CA SER B 93 6.72 -3.75 5.68
C SER B 93 8.04 -3.54 4.96
N THR B 94 9.05 -3.17 5.73
CA THR B 94 10.41 -3.23 5.24
C THR B 94 10.91 -4.68 5.27
N PRO B 95 11.96 -5.00 4.50
CA PRO B 95 12.52 -6.34 4.60
C PRO B 95 13.00 -6.60 6.02
N SER B 96 12.90 -7.86 6.44
CA SER B 96 13.31 -8.24 7.79
C SER B 96 14.57 -9.06 7.78
N ALA B 97 15.24 -9.15 6.63
CA ALA B 97 16.49 -9.86 6.49
C ALA B 97 17.32 -9.13 5.44
N PRO B 98 18.64 -9.26 5.49
CA PRO B 98 19.50 -8.56 4.51
C PRO B 98 19.52 -9.30 3.18
N PRO B 99 20.04 -8.64 2.13
CA PRO B 99 20.46 -9.39 0.94
C PRO B 99 21.39 -10.53 1.34
N GLN B 100 21.35 -11.61 0.57
CA GLN B 100 22.12 -12.80 0.87
C GLN B 100 23.31 -12.91 -0.07
N LYS B 101 24.23 -13.80 0.31
CA LYS B 101 25.34 -14.19 -0.54
C LYS B 101 26.14 -12.97 -1.00
N VAL B 102 26.41 -12.06 -0.07
CA VAL B 102 27.12 -10.85 -0.45
C VAL B 102 28.59 -11.18 -0.69
N MET B 103 29.10 -10.78 -1.85
CA MET B 103 30.49 -10.97 -2.22
C MET B 103 31.04 -9.68 -2.78
N CYS B 104 32.35 -9.49 -2.61
CA CYS B 104 33.02 -8.30 -3.11
C CYS B 104 34.34 -8.72 -3.72
N VAL B 105 34.62 -8.27 -4.94
CA VAL B 105 35.92 -8.50 -5.56
C VAL B 105 36.39 -7.19 -6.19
N SER B 106 37.68 -6.90 -6.06
CA SER B 106 38.22 -5.76 -6.81
C SER B 106 38.29 -6.10 -8.29
N MET B 107 38.08 -5.08 -9.12
CA MET B 107 38.10 -5.22 -10.58
C MET B 107 39.01 -4.18 -11.18
N GLY B 108 40.15 -3.91 -10.53
CA GLY B 108 41.12 -2.93 -10.92
C GLY B 108 41.65 -2.22 -9.68
N SER B 109 42.38 -1.12 -9.90
CA SER B 109 43.01 -0.42 -8.78
C SER B 109 42.03 0.42 -7.97
N THR B 110 40.90 0.83 -8.57
CA THR B 110 40.00 1.75 -7.90
C THR B 110 38.56 1.27 -7.97
N THR B 111 38.32 0.00 -8.33
CA THR B 111 36.99 -0.52 -8.56
C THR B 111 36.79 -1.79 -7.73
N VAL B 112 35.63 -1.87 -7.11
CA VAL B 112 35.18 -3.04 -6.40
C VAL B 112 33.80 -3.38 -6.91
N ARG B 113 33.59 -4.65 -7.27
CA ARG B 113 32.29 -5.13 -7.70
C ARG B 113 31.64 -5.82 -6.52
N VAL B 114 30.48 -5.33 -6.13
CA VAL B 114 29.70 -5.88 -5.04
C VAL B 114 28.56 -6.69 -5.65
N SER B 115 28.33 -7.92 -5.16
CA SER B 115 27.26 -8.77 -5.66
CA SER B 115 27.27 -8.78 -5.66
C SER B 115 26.47 -9.37 -4.51
N TRP B 116 25.19 -9.66 -4.77
CA TRP B 116 24.28 -10.16 -3.75
C TRP B 116 23.11 -10.85 -4.45
N VAL B 117 22.29 -11.53 -3.66
CA VAL B 117 20.97 -11.98 -4.09
C VAL B 117 19.94 -11.38 -3.14
N PRO B 118 18.67 -11.36 -3.52
CA PRO B 118 17.65 -10.73 -2.65
C PRO B 118 17.56 -11.40 -1.30
N PRO B 119 16.99 -10.73 -0.30
CA PRO B 119 16.67 -11.40 0.95
C PRO B 119 15.76 -12.58 0.70
N PRO B 120 15.70 -13.55 1.62
CA PRO B 120 14.82 -14.70 1.40
C PRO B 120 13.38 -14.27 1.23
N ALA B 121 12.64 -15.06 0.43
CA ALA B 121 11.28 -14.69 0.04
C ALA B 121 10.39 -14.39 1.24
N ASP B 122 10.53 -15.15 2.33
CA ASP B 122 9.63 -14.94 3.46
C ASP B 122 10.01 -13.75 4.31
N SER B 123 11.09 -13.04 3.96
CA SER B 123 11.57 -11.92 4.75
C SER B 123 11.57 -10.62 3.96
N ARG B 124 10.92 -10.60 2.79
CA ARG B 124 10.88 -9.36 2.01
C ARG B 124 9.75 -8.45 2.47
N ASN B 125 8.59 -9.05 2.78
CA ASN B 125 7.43 -8.35 3.34
C ASN B 125 6.87 -7.32 2.36
N GLY B 126 7.11 -7.52 1.08
CA GLY B 126 6.73 -6.54 0.08
C GLY B 126 7.59 -6.71 -1.15
N VAL B 127 7.30 -5.90 -2.14
CA VAL B 127 8.11 -5.88 -3.35
C VAL B 127 9.41 -5.15 -3.06
N ILE B 128 10.55 -5.78 -3.38
CA ILE B 128 11.82 -5.09 -3.22
C ILE B 128 11.94 -4.05 -4.34
N THR B 129 12.18 -2.81 -3.96
CA THR B 129 12.21 -1.75 -4.96
C THR B 129 13.60 -1.20 -5.23
N GLN B 130 14.54 -1.40 -4.32
CA GLN B 130 15.88 -0.87 -4.52
C GLN B 130 16.83 -1.48 -3.52
N TYR B 131 18.12 -1.32 -3.81
CA TYR B 131 19.21 -1.72 -2.94
C TYR B 131 20.06 -0.50 -2.64
N SER B 132 20.77 -0.58 -1.53
CA SER B 132 21.82 0.38 -1.25
C SER B 132 23.08 -0.38 -0.86
N VAL B 133 24.22 0.23 -1.16
CA VAL B 133 25.54 -0.33 -0.86
C VAL B 133 26.24 0.69 0.00
N ALA B 134 26.70 0.28 1.17
CA ALA B 134 27.49 1.15 2.04
C ALA B 134 28.92 0.62 2.09
N TYR B 135 29.89 1.52 2.17
CA TYR B 135 31.28 1.09 2.27
C TYR B 135 32.04 2.03 3.18
N GLU B 136 33.15 1.52 3.72
CA GLU B 136 33.93 2.32 4.66
C GLU B 136 35.37 1.86 4.55
N ALA B 137 36.28 2.78 4.34
CA ALA B 137 37.66 2.38 4.25
C ALA B 137 38.16 2.07 5.65
N VAL B 138 38.80 0.92 5.79
CA VAL B 138 39.35 0.56 7.08
C VAL B 138 40.64 1.33 7.34
N ASP B 139 41.45 1.56 6.29
CA ASP B 139 42.75 2.23 6.46
C ASP B 139 42.92 3.39 5.48
N GLY B 140 41.83 3.94 4.96
CA GLY B 140 41.94 4.99 3.98
C GLY B 140 42.22 6.35 4.61
N GLU B 141 42.40 7.34 3.73
CA GLU B 141 42.53 8.70 4.23
C GLU B 141 41.20 9.13 4.83
N ASP B 142 40.12 8.78 4.17
CA ASP B 142 38.76 9.02 4.65
C ASP B 142 38.25 7.72 5.31
N ARG B 143 37.92 7.78 6.61
CA ARG B 143 37.42 6.61 7.34
C ARG B 143 35.90 6.62 7.54
N GLY B 144 35.18 7.51 6.87
CA GLY B 144 33.74 7.56 7.04
C GLY B 144 33.00 6.50 6.24
N ARG B 145 31.72 6.31 6.61
CA ARG B 145 30.81 5.48 5.82
C ARG B 145 30.26 6.28 4.64
N HIS B 146 30.25 5.66 3.45
CA HIS B 146 29.68 6.26 2.25
C HIS B 146 28.61 5.33 1.70
N VAL B 147 27.50 5.88 1.23
CA VAL B 147 26.36 5.04 0.86
C VAL B 147 25.95 5.38 -0.57
N VAL B 148 25.77 4.36 -1.38
CA VAL B 148 25.21 4.49 -2.72
C VAL B 148 23.79 3.96 -2.62
N ASP B 149 22.82 4.84 -2.79
CA ASP B 149 21.40 4.54 -2.68
CA ASP B 149 21.44 4.39 -2.71
C ASP B 149 20.76 4.51 -4.07
N GLY B 150 19.52 4.03 -4.14
CA GLY B 150 18.82 4.13 -5.41
C GLY B 150 19.26 3.18 -6.49
N ILE B 151 19.93 2.07 -6.12
CA ILE B 151 20.25 1.02 -7.08
C ILE B 151 18.98 0.22 -7.40
N SER B 152 18.66 0.09 -8.68
CA SER B 152 17.37 -0.49 -9.04
C SER B 152 17.28 -1.96 -8.66
N ARG B 153 16.03 -2.42 -8.52
CA ARG B 153 15.70 -3.74 -7.99
C ARG B 153 16.20 -4.89 -8.87
N GLU B 154 16.44 -4.66 -10.16
CA GLU B 154 16.92 -5.77 -10.98
C GLU B 154 18.41 -6.00 -10.84
N HIS B 155 19.15 -5.08 -10.22
CA HIS B 155 20.57 -5.30 -10.02
C HIS B 155 20.83 -6.42 -9.01
N SER B 156 21.79 -7.28 -9.32
CA SER B 156 22.37 -8.20 -8.36
C SER B 156 23.85 -7.89 -8.16
N SER B 157 24.36 -6.83 -8.78
CA SER B 157 25.71 -6.38 -8.55
C SER B 157 25.81 -4.88 -8.79
N TRP B 158 26.88 -4.28 -8.28
CA TRP B 158 27.11 -2.84 -8.41
C TRP B 158 28.59 -2.61 -8.35
N ASP B 159 29.09 -1.78 -9.28
CA ASP B 159 30.50 -1.42 -9.32
C ASP B 159 30.72 -0.08 -8.61
N LEU B 160 31.50 -0.11 -7.54
CA LEU B 160 32.01 1.11 -6.93
C LEU B 160 33.23 1.56 -7.71
N VAL B 161 33.14 2.69 -8.41
CA VAL B 161 34.20 3.12 -9.31
C VAL B 161 34.69 4.46 -8.81
N GLY B 162 36.00 4.56 -8.58
CA GLY B 162 36.60 5.72 -7.94
C GLY B 162 37.00 5.56 -6.48
N LEU B 163 37.21 4.33 -6.00
CA LEU B 163 37.74 4.11 -4.67
C LEU B 163 39.23 4.44 -4.62
N GLU B 164 39.77 4.44 -3.40
CA GLU B 164 41.19 4.72 -3.21
C GLU B 164 42.02 3.49 -3.51
N LYS B 165 43.21 3.71 -4.09
CA LYS B 165 44.13 2.61 -4.39
C LYS B 165 44.67 2.00 -3.10
N TRP B 166 44.98 0.72 -3.18
CA TRP B 166 45.64 -0.05 -2.10
C TRP B 166 44.99 0.19 -0.74
N THR B 167 43.66 0.10 -0.70
CA THR B 167 42.90 0.41 0.51
C THR B 167 41.94 -0.74 0.82
N GLU B 168 41.84 -1.08 2.11
CA GLU B 168 40.90 -2.11 2.54
C GLU B 168 39.55 -1.47 2.89
N TYR B 169 38.46 -2.12 2.47
CA TYR B 169 37.11 -1.63 2.69
C TYR B 169 36.24 -2.67 3.39
N ARG B 170 35.29 -2.18 4.20
CA ARG B 170 34.10 -2.93 4.61
C ARG B 170 32.95 -2.54 3.70
N VAL B 171 32.12 -3.51 3.31
CA VAL B 171 30.98 -3.26 2.43
C VAL B 171 29.76 -3.95 3.02
N TRP B 172 28.64 -3.24 3.07
CA TRP B 172 27.38 -3.82 3.52
C TRP B 172 26.34 -3.52 2.47
N VAL B 173 25.40 -4.44 2.24
CA VAL B 173 24.32 -4.10 1.31
C VAL B 173 22.95 -4.31 1.95
N ARG B 174 22.00 -3.47 1.54
CA ARG B 174 20.72 -3.39 2.19
C ARG B 174 19.61 -3.39 1.13
N ALA B 175 18.49 -4.09 1.43
CA ALA B 175 17.33 -4.08 0.54
C ALA B 175 16.27 -3.11 1.05
N HIS B 176 15.43 -2.65 0.14
CA HIS B 176 14.37 -1.70 0.48
C HIS B 176 13.07 -2.11 -0.20
N THR B 177 11.95 -1.81 0.46
CA THR B 177 10.63 -1.81 -0.18
C THR B 177 10.15 -0.38 -0.28
N ASP B 178 8.91 -0.20 -0.77
CA ASP B 178 8.34 1.15 -0.73
C ASP B 178 8.19 1.66 0.69
N VAL B 179 8.15 0.76 1.67
CA VAL B 179 8.01 1.17 3.07
C VAL B 179 9.30 1.78 3.58
N GLY B 180 10.44 1.27 3.12
CA GLY B 180 11.71 1.79 3.58
C GLY B 180 12.78 0.72 3.62
N PRO B 181 13.89 1.03 4.28
CA PRO B 181 15.04 0.13 4.30
C PRO B 181 14.90 -1.00 5.31
N GLY B 182 15.39 -2.16 4.90
CA GLY B 182 15.59 -3.29 5.80
C GLY B 182 16.98 -3.27 6.43
N PRO B 183 17.36 -4.34 7.12
CA PRO B 183 18.71 -4.42 7.71
C PRO B 183 19.77 -4.64 6.64
N GLU B 184 20.97 -4.15 6.92
CA GLU B 184 22.07 -4.41 5.99
C GLU B 184 22.78 -5.72 6.37
N SER B 185 23.46 -6.28 5.38
CA SER B 185 24.24 -7.50 5.56
C SER B 185 25.36 -7.29 6.56
N SER B 186 25.88 -8.38 7.09
CA SER B 186 27.13 -8.30 7.84
CA SER B 186 27.13 -8.33 7.83
C SER B 186 28.26 -7.88 6.89
N PRO B 187 29.21 -7.07 7.35
CA PRO B 187 30.18 -6.51 6.40
C PRO B 187 31.09 -7.58 5.80
N VAL B 188 31.43 -7.35 4.53
CA VAL B 188 32.43 -8.11 3.79
C VAL B 188 33.65 -7.22 3.59
N LEU B 189 34.82 -7.79 3.79
CA LEU B 189 36.10 -7.10 3.59
C LEU B 189 36.62 -7.32 2.18
N VAL B 190 37.20 -6.28 1.60
CA VAL B 190 37.73 -6.33 0.24
C VAL B 190 38.80 -5.27 0.14
N ARG B 191 39.85 -5.55 -0.63
CA ARG B 191 40.94 -4.62 -0.82
C ARG B 191 41.09 -4.24 -2.28
N THR B 192 41.30 -2.95 -2.55
CA THR B 192 41.94 -2.62 -3.80
C THR B 192 43.44 -2.86 -3.61
N ASP B 193 44.10 -3.38 -4.62
CA ASP B 193 45.53 -3.67 -4.39
C ASP B 193 46.34 -3.75 -5.68
N GLU B 194 46.16 -2.77 -6.56
CA GLU B 194 46.87 -2.76 -7.85
C GLU B 194 47.54 -1.42 -8.06
N ASP B 195 48.38 -1.37 -9.09
CA ASP B 195 49.06 -0.16 -9.55
C ASP B 195 49.95 0.45 -8.48
#